data_8UR1
#
_entry.id   8UR1
#
_cell.length_a   96.400
_cell.length_b   96.400
_cell.length_c   205.596
_cell.angle_alpha   90.00
_cell.angle_beta   90.00
_cell.angle_gamma   120.00
#
_symmetry.space_group_name_H-M   'P 62 2 2'
#
loop_
_entity.id
_entity.type
_entity.pdbx_description
1 polymer 'N-acetylneuraminate lyase'
2 non-polymer 'SODIUM ION'
3 non-polymer 'CHLORIDE ION'
4 non-polymer 'SULFATE ION'
5 non-polymer GLYCEROL
6 non-polymer 'NITRATE ION'
7 non-polymer 'PENTAETHYLENE GLYCOL'
8 water water
#
_entity_poly.entity_id   1
_entity_poly.type   'polypeptide(L)'
_entity_poly.pdbx_seq_one_letter_code
;MAHHHHHHMVSHLRGVMPALLTPFDAQQNIDRASLRRLVRFNIEQGVDGVYVGGSTGEAFVQSLSEREEVLEIVAEEAKG
KITLIAHVGCVSTAESQQLAAAAKRYGFDAVSAVTPFYYPFSFEEHCDHYRAIIDSADGIPMVVYNIPALSGVKLTLEQI
NQLVTLPGVGAL(KPI)QTSGDLYQMEQIRRAHPELVLYNGYDEIFASGLLAGADGGIGSTYNIMAWRYLGIVQALKEGD
TAKAQQLQHECNKVIDLLVKVGVFRGLKTVLHYMDVLSVPLCRKPFAPVEDKFQAELKALAQQLMQERG
;
_entity_poly.pdbx_strand_id   A
#
loop_
_chem_comp.id
_chem_comp.type
_chem_comp.name
_chem_comp.formula
1PE non-polymer 'PENTAETHYLENE GLYCOL' 'C10 H22 O6'
CL non-polymer 'CHLORIDE ION' 'Cl -1'
GOL non-polymer GLYCEROL 'C3 H8 O3'
NA non-polymer 'SODIUM ION' 'Na 1'
NO3 non-polymer 'NITRATE ION' 'N O3 -1'
SO4 non-polymer 'SULFATE ION' 'O4 S -2'
#
# COMPACT_ATOMS: atom_id res chain seq x y z
N MET A 9 -21.08 1.24 -5.20
CA MET A 9 -20.86 2.71 -5.21
C MET A 9 -19.37 3.02 -5.25
N VAL A 10 -18.57 2.09 -4.72
CA VAL A 10 -17.13 2.26 -4.66
C VAL A 10 -16.43 0.97 -5.09
N SER A 11 -17.12 0.16 -5.89
CA SER A 11 -16.53 -1.07 -6.39
C SER A 11 -15.37 -0.81 -7.34
N HIS A 12 -15.28 0.41 -7.89
CA HIS A 12 -14.11 0.79 -8.68
C HIS A 12 -12.84 0.82 -7.86
N LEU A 13 -12.91 0.64 -6.55
CA LEU A 13 -11.74 0.64 -5.71
C LEU A 13 -11.16 -0.76 -5.50
N ARG A 14 -11.88 -1.79 -5.93
CA ARG A 14 -11.41 -3.16 -5.75
C ARG A 14 -10.20 -3.43 -6.65
N GLY A 15 -9.26 -4.21 -6.14
CA GLY A 15 -8.21 -4.74 -6.98
C GLY A 15 -6.88 -4.84 -6.26
N VAL A 16 -5.84 -4.91 -7.08
CA VAL A 16 -4.47 -5.14 -6.66
C VAL A 16 -3.68 -3.87 -6.97
N MET A 17 -3.13 -3.26 -5.91
CA MET A 17 -2.53 -1.95 -6.03
C MET A 17 -1.22 -1.93 -5.26
N PRO A 18 -0.08 -1.66 -5.92
CA PRO A 18 1.17 -1.50 -5.17
C PRO A 18 1.10 -0.35 -4.17
N ALA A 19 1.69 -0.59 -2.99
CA ALA A 19 2.05 0.47 -2.05
C ALA A 19 3.29 1.17 -2.59
N LEU A 20 3.10 2.33 -3.18
CA LEU A 20 4.19 2.95 -3.92
C LEU A 20 5.34 3.34 -2.99
N LEU A 21 6.55 2.96 -3.37
CA LEU A 21 7.74 3.47 -2.73
C LEU A 21 8.00 4.90 -3.18
N THR A 22 8.67 5.69 -2.34
CA THR A 22 9.03 7.05 -2.72
C THR A 22 10.51 7.05 -3.06
N PRO A 23 10.91 7.16 -4.35
CA PRO A 23 12.34 7.20 -4.67
C PRO A 23 13.00 8.48 -4.14
N PHE A 24 14.22 8.31 -3.65
CA PHE A 24 15.08 9.39 -3.21
C PHE A 24 16.37 9.36 -4.03
N ASP A 25 17.09 10.48 -4.03
CA ASP A 25 18.32 10.59 -4.79
C ASP A 25 19.51 10.32 -3.87
N ALA A 26 20.72 10.52 -4.40
CA ALA A 26 21.93 10.21 -3.64
C ALA A 26 22.08 11.06 -2.39
N GLN A 27 21.38 12.19 -2.31
CA GLN A 27 21.39 13.03 -1.12
C GLN A 27 20.11 12.87 -0.30
N GLN A 28 19.29 11.88 -0.62
CA GLN A 28 18.04 11.59 0.07
C GLN A 28 16.95 12.62 -0.18
N ASN A 29 17.09 13.48 -1.19
CA ASN A 29 15.96 14.27 -1.64
C ASN A 29 15.04 13.41 -2.51
N ILE A 30 13.82 13.90 -2.74
CA ILE A 30 12.91 13.18 -3.61
C ILE A 30 13.48 13.14 -5.02
N ASP A 31 13.52 11.94 -5.61
CA ASP A 31 13.95 11.74 -7.00
C ASP A 31 12.71 11.74 -7.87
N ARG A 32 12.42 12.90 -8.46
CA ARG A 32 11.16 13.07 -9.18
C ARG A 32 11.12 12.28 -10.47
N ALA A 33 12.24 12.26 -11.20
CA ALA A 33 12.31 11.50 -12.45
C ALA A 33 12.08 10.01 -12.22
N SER A 34 12.74 9.45 -11.21
CA SER A 34 12.57 8.03 -10.89
C SER A 34 11.17 7.74 -10.38
N LEU A 35 10.58 8.66 -9.62
CA LEU A 35 9.20 8.48 -9.20
C LEU A 35 8.28 8.33 -10.41
N ARG A 36 8.48 9.18 -11.42
CA ARG A 36 7.59 9.13 -12.58
C ARG A 36 7.76 7.83 -13.32
N ARG A 37 9.01 7.37 -13.45
CA ARG A 37 9.23 6.07 -14.07
C ARG A 37 8.62 4.94 -13.24
N LEU A 38 8.65 5.05 -11.91
CA LEU A 38 8.08 3.98 -11.09
C LEU A 38 6.58 3.88 -11.28
N VAL A 39 5.89 5.02 -11.41
CA VAL A 39 4.45 5.00 -11.65
C VAL A 39 4.14 4.33 -12.98
N ARG A 40 4.82 4.75 -14.05
CA ARG A 40 4.56 4.13 -15.35
C ARG A 40 4.92 2.64 -15.33
N PHE A 41 5.98 2.27 -14.62
CA PHE A 41 6.34 0.86 -14.52
C PHE A 41 5.20 0.05 -13.90
N ASN A 42 4.66 0.54 -12.79
CA ASN A 42 3.56 -0.17 -12.14
C ASN A 42 2.33 -0.21 -13.02
N ILE A 43 2.02 0.88 -13.72
CA ILE A 43 0.90 0.88 -14.65
C ILE A 43 1.07 -0.23 -15.67
N GLU A 44 2.27 -0.35 -16.22
CA GLU A 44 2.55 -1.35 -17.24
C GLU A 44 2.67 -2.76 -16.68
N GLN A 45 2.58 -2.93 -15.36
CA GLN A 45 2.45 -4.27 -14.79
C GLN A 45 1.02 -4.78 -14.83
N GLY A 46 0.06 -3.90 -15.10
CA GLY A 46 -1.33 -4.30 -15.16
C GLY A 46 -2.08 -4.10 -13.86
N VAL A 47 -1.54 -3.31 -12.93
CA VAL A 47 -2.19 -3.14 -11.64
C VAL A 47 -3.49 -2.36 -11.80
N ASP A 48 -4.37 -2.49 -10.81
CA ASP A 48 -5.64 -1.78 -10.78
C ASP A 48 -5.53 -0.36 -10.22
N GLY A 49 -4.43 -0.03 -9.55
CA GLY A 49 -4.30 1.28 -8.94
C GLY A 49 -2.97 1.36 -8.23
N VAL A 50 -2.72 2.53 -7.64
CA VAL A 50 -1.55 2.74 -6.78
C VAL A 50 -1.96 3.47 -5.51
N TYR A 51 -1.23 3.18 -4.44
CA TYR A 51 -1.46 3.67 -3.09
C TYR A 51 -0.24 4.51 -2.73
N VAL A 52 -0.42 5.81 -2.62
CA VAL A 52 0.68 6.74 -2.59
C VAL A 52 0.85 7.32 -1.19
N GLY A 53 2.10 7.46 -0.77
CA GLY A 53 2.39 8.08 0.50
C GLY A 53 2.01 7.25 1.70
N GLY A 54 1.98 5.93 1.56
CA GLY A 54 1.72 5.04 2.66
C GLY A 54 2.97 4.72 3.47
N SER A 55 2.82 3.73 4.35
CA SER A 55 3.95 3.24 5.12
C SER A 55 5.12 2.89 4.21
N THR A 56 4.84 2.15 3.14
CA THR A 56 5.88 1.77 2.18
C THR A 56 6.46 3.00 1.49
N GLY A 57 5.68 4.06 1.38
CA GLY A 57 6.15 5.28 0.79
C GLY A 57 7.05 6.13 1.66
N GLU A 58 7.44 5.61 2.83
CA GLU A 58 8.29 6.34 3.78
C GLU A 58 7.64 7.68 4.14
N ALA A 59 6.33 7.66 4.27
CA ALA A 59 5.62 8.91 4.54
C ALA A 59 6.15 9.60 5.78
N PHE A 60 6.49 8.83 6.83
CA PHE A 60 6.71 9.42 8.14
C PHE A 60 8.15 9.85 8.36
N VAL A 61 8.97 9.83 7.31
CA VAL A 61 10.24 10.55 7.27
C VAL A 61 10.22 11.65 6.20
N GLN A 62 9.04 12.04 5.76
CA GLN A 62 8.86 13.13 4.81
C GLN A 62 8.02 14.24 5.42
N SER A 63 8.25 15.46 4.93
CA SER A 63 7.42 16.59 5.33
C SER A 63 6.09 16.58 4.58
N LEU A 64 5.17 17.46 5.01
CA LEU A 64 3.91 17.60 4.30
C LEU A 64 4.12 18.09 2.86
N SER A 65 5.00 19.07 2.65
CA SER A 65 5.20 19.56 1.29
C SER A 65 5.80 18.48 0.41
N GLU A 66 6.67 17.64 0.98
CA GLU A 66 7.22 16.51 0.22
C GLU A 66 6.13 15.51 -0.17
N ARG A 67 5.28 15.15 0.79
CA ARG A 67 4.20 14.23 0.48
C ARG A 67 3.24 14.80 -0.56
N GLU A 68 2.90 16.09 -0.47
CA GLU A 68 2.02 16.70 -1.48
C GLU A 68 2.69 16.68 -2.85
N GLU A 69 3.99 16.95 -2.88
CA GLU A 69 4.74 16.91 -4.13
C GLU A 69 4.64 15.55 -4.77
N VAL A 70 4.77 14.48 -3.97
CA VAL A 70 4.67 13.12 -4.50
C VAL A 70 3.26 12.82 -4.99
N LEU A 71 2.25 13.22 -4.21
CA LEU A 71 0.88 13.02 -4.62
C LEU A 71 0.61 13.65 -5.98
N GLU A 72 1.02 14.91 -6.16
CA GLU A 72 0.71 15.60 -7.40
C GLU A 72 1.44 14.96 -8.59
N ILE A 73 2.70 14.57 -8.39
CA ILE A 73 3.43 13.92 -9.49
C ILE A 73 2.73 12.64 -9.93
N VAL A 74 2.33 11.81 -8.96
CA VAL A 74 1.70 10.54 -9.29
C VAL A 74 0.38 10.77 -10.02
N ALA A 75 -0.40 11.75 -9.57
CA ALA A 75 -1.64 12.07 -10.26
C ALA A 75 -1.37 12.49 -11.71
N GLU A 76 -0.29 13.25 -11.93
CA GLU A 76 0.03 13.65 -13.29
C GLU A 76 0.27 12.44 -14.16
N GLU A 77 0.94 11.41 -13.63
CA GLU A 77 1.27 10.27 -14.49
C GLU A 77 0.13 9.27 -14.60
N ALA A 78 -0.71 9.16 -13.58
CA ALA A 78 -1.64 8.03 -13.49
C ALA A 78 -3.12 8.41 -13.56
N LYS A 79 -3.49 9.66 -13.35
CA LYS A 79 -4.91 9.99 -13.29
C LYS A 79 -5.60 9.58 -14.58
N GLY A 80 -6.73 8.89 -14.44
CA GLY A 80 -7.48 8.40 -15.57
C GLY A 80 -6.95 7.14 -16.20
N LYS A 81 -5.79 6.64 -15.76
CA LYS A 81 -5.24 5.38 -16.23
C LYS A 81 -5.47 4.24 -15.25
N ILE A 82 -5.12 4.45 -13.98
CA ILE A 82 -5.38 3.49 -12.93
C ILE A 82 -5.96 4.25 -11.74
N THR A 83 -6.53 3.50 -10.81
CA THR A 83 -7.12 4.07 -9.61
C THR A 83 -6.04 4.71 -8.75
N LEU A 84 -6.35 5.88 -8.19
CA LEU A 84 -5.42 6.67 -7.41
C LEU A 84 -5.93 6.82 -5.99
N ILE A 85 -5.18 6.27 -5.03
CA ILE A 85 -5.50 6.39 -3.61
C ILE A 85 -4.35 7.12 -2.93
N ALA A 86 -4.69 8.18 -2.22
CA ALA A 86 -3.72 8.98 -1.49
C ALA A 86 -3.75 8.66 -0.01
N HIS A 87 -2.65 8.11 0.50
CA HIS A 87 -2.56 7.96 1.94
C HIS A 87 -2.21 9.31 2.55
N VAL A 88 -3.13 9.89 3.31
CA VAL A 88 -3.00 11.25 3.82
C VAL A 88 -2.76 11.25 5.31
N GLY A 89 -2.63 10.07 5.91
CA GLY A 89 -2.67 9.96 7.35
C GLY A 89 -1.42 10.51 8.01
N CYS A 90 -1.62 11.28 9.07
CA CYS A 90 -0.61 11.75 10.00
C CYS A 90 -1.15 11.48 11.41
N VAL A 91 -0.31 11.68 12.41
CA VAL A 91 -0.81 11.73 13.79
C VAL A 91 -1.79 12.91 13.92
N SER A 92 -1.37 14.08 13.42
CA SER A 92 -2.19 15.29 13.46
C SER A 92 -3.40 15.19 12.54
N THR A 93 -4.57 15.55 13.06
CA THR A 93 -5.75 15.61 12.22
C THR A 93 -5.63 16.74 11.20
N ALA A 94 -5.19 17.91 11.65
CA ALA A 94 -5.06 19.05 10.74
C ALA A 94 -4.10 18.75 9.60
N GLU A 95 -2.97 18.10 9.90
CA GLU A 95 -2.02 17.74 8.85
C GLU A 95 -2.65 16.77 7.85
N SER A 96 -3.39 15.77 8.36
CA SER A 96 -4.10 14.81 7.50
C SER A 96 -5.13 15.51 6.63
N GLN A 97 -5.85 16.46 7.21
CA GLN A 97 -6.83 17.21 6.44
C GLN A 97 -6.17 17.99 5.31
N GLN A 98 -4.99 18.57 5.58
CA GLN A 98 -4.29 19.31 4.52
C GLN A 98 -3.94 18.40 3.36
N LEU A 99 -3.48 17.19 3.65
CA LEU A 99 -3.14 16.29 2.56
C LEU A 99 -4.39 15.76 1.87
N ALA A 100 -5.48 15.56 2.61
CA ALA A 100 -6.73 15.16 1.98
C ALA A 100 -7.22 16.20 0.98
N ALA A 101 -7.22 17.47 1.37
CA ALA A 101 -7.67 18.52 0.45
C ALA A 101 -6.74 18.61 -0.76
N ALA A 102 -5.44 18.45 -0.54
CA ALA A 102 -4.50 18.40 -1.66
C ALA A 102 -4.83 17.24 -2.60
N ALA A 103 -5.05 16.05 -2.04
CA ALA A 103 -5.37 14.89 -2.87
C ALA A 103 -6.63 15.13 -3.69
N LYS A 104 -7.62 15.76 -3.09
CA LYS A 104 -8.81 16.14 -3.84
C LYS A 104 -8.46 17.09 -4.98
N ARG A 105 -7.68 18.14 -4.70
CA ARG A 105 -7.33 19.08 -5.77
C ARG A 105 -6.61 18.37 -6.91
N TYR A 106 -5.80 17.37 -6.59
CA TYR A 106 -4.96 16.72 -7.60
C TYR A 106 -5.71 15.66 -8.39
N GLY A 107 -6.95 15.33 -8.01
CA GLY A 107 -7.75 14.40 -8.77
C GLY A 107 -7.72 12.96 -8.30
N PHE A 108 -7.34 12.72 -7.05
CA PHE A 108 -7.31 11.36 -6.55
C PHE A 108 -8.71 10.79 -6.45
N ASP A 109 -8.79 9.46 -6.52
CA ASP A 109 -10.06 8.75 -6.44
C ASP A 109 -10.46 8.43 -5.01
N ALA A 110 -9.55 8.49 -4.06
CA ALA A 110 -9.82 8.13 -2.67
C ALA A 110 -8.66 8.62 -1.83
N VAL A 111 -8.92 8.76 -0.53
CA VAL A 111 -7.90 9.03 0.47
C VAL A 111 -7.88 7.85 1.44
N SER A 112 -6.82 7.79 2.25
CA SER A 112 -6.62 6.76 3.24
C SER A 112 -5.83 7.35 4.41
N ALA A 113 -6.06 6.80 5.60
CA ALA A 113 -5.35 7.31 6.78
C ALA A 113 -5.11 6.16 7.76
N VAL A 114 -3.85 5.92 8.08
CA VAL A 114 -3.52 5.08 9.21
C VAL A 114 -4.17 5.59 10.49
N THR A 115 -4.53 4.66 11.38
CA THR A 115 -4.95 5.04 12.71
C THR A 115 -3.85 5.90 13.36
N PRO A 116 -4.18 7.10 13.84
CA PRO A 116 -3.13 7.95 14.46
C PRO A 116 -2.48 7.23 15.62
N PHE A 117 -1.17 7.42 15.74
CA PHE A 117 -0.36 6.55 16.59
C PHE A 117 0.56 7.35 17.49
N TYR A 118 1.43 6.64 18.22
CA TYR A 118 2.32 7.14 19.25
C TYR A 118 1.51 7.55 20.49
N TYR A 119 0.72 8.56 20.38
CA TYR A 119 -0.12 8.87 21.54
C TYR A 119 -1.34 7.94 21.59
N PRO A 120 -1.77 7.53 22.79
CA PRO A 120 -3.05 6.82 22.89
C PRO A 120 -4.21 7.79 22.70
N PHE A 121 -5.09 7.47 21.75
CA PHE A 121 -6.34 8.20 21.54
C PHE A 121 -7.51 7.25 21.84
N SER A 122 -8.59 7.80 22.39
CA SER A 122 -9.81 7.01 22.53
C SER A 122 -10.39 6.65 21.16
N PHE A 123 -11.31 5.67 21.16
CA PHE A 123 -11.92 5.26 19.90
C PHE A 123 -12.77 6.38 19.31
N GLU A 124 -13.48 7.14 20.15
CA GLU A 124 -14.22 8.30 19.65
C GLU A 124 -13.29 9.32 18.99
N GLU A 125 -12.12 9.55 19.57
CA GLU A 125 -11.14 10.43 18.95
C GLU A 125 -10.68 9.90 17.60
N HIS A 126 -10.48 8.58 17.49
CA HIS A 126 -10.15 7.99 16.19
C HIS A 126 -11.28 8.22 15.19
N CYS A 127 -12.51 7.96 15.62
CA CYS A 127 -13.67 8.20 14.76
CA CYS A 127 -13.67 8.20 14.76
C CYS A 127 -13.73 9.66 14.30
N ASP A 128 -13.61 10.61 15.25
CA ASP A 128 -13.66 12.03 14.89
C ASP A 128 -12.52 12.40 13.94
N HIS A 129 -11.38 11.73 14.09
CA HIS A 129 -10.24 11.98 13.21
C HIS A 129 -10.59 11.62 11.79
N TYR A 130 -11.19 10.44 11.60
CA TYR A 130 -11.58 10.01 10.26
C TYR A 130 -12.66 10.92 9.69
N ARG A 131 -13.62 11.32 10.52
CA ARG A 131 -14.68 12.21 10.06
C ARG A 131 -14.10 13.52 9.52
N ALA A 132 -13.12 14.07 10.23
CA ALA A 132 -12.53 15.35 9.82
C ALA A 132 -11.82 15.22 8.49
N ILE A 133 -11.08 14.12 8.30
CA ILE A 133 -10.37 13.89 7.06
C ILE A 133 -11.36 13.68 5.93
N ILE A 134 -12.41 12.90 6.19
CA ILE A 134 -13.45 12.69 5.20
C ILE A 134 -14.02 14.04 4.77
N ASP A 135 -14.25 14.93 5.73
CA ASP A 135 -14.75 16.25 5.41
C ASP A 135 -13.83 16.97 4.45
N SER A 136 -12.53 16.97 4.76
CA SER A 136 -11.57 17.69 3.92
C SER A 136 -11.38 17.02 2.57
N ALA A 137 -11.63 15.70 2.47
CA ALA A 137 -11.55 14.99 1.20
C ALA A 137 -12.62 15.45 0.22
N ASP A 138 -13.66 16.10 0.72
CA ASP A 138 -14.61 16.84 -0.12
C ASP A 138 -15.21 15.94 -1.19
N GLY A 139 -15.59 14.72 -0.80
CA GLY A 139 -16.41 13.89 -1.65
C GLY A 139 -15.75 12.66 -2.22
N ILE A 140 -14.45 12.46 -2.04
CA ILE A 140 -13.86 11.19 -2.49
C ILE A 140 -13.80 10.27 -1.28
N PRO A 141 -13.97 8.97 -1.45
CA PRO A 141 -14.14 8.08 -0.29
C PRO A 141 -12.83 7.85 0.45
N MET A 142 -12.99 7.40 1.70
CA MET A 142 -11.91 7.14 2.62
C MET A 142 -11.66 5.64 2.73
N VAL A 143 -10.38 5.29 2.77
CA VAL A 143 -9.92 3.91 2.98
C VAL A 143 -9.32 3.87 4.37
N VAL A 144 -10.04 3.29 5.32
CA VAL A 144 -9.47 3.12 6.66
C VAL A 144 -8.29 2.17 6.56
N TYR A 145 -7.22 2.50 7.29
CA TYR A 145 -5.95 1.77 7.19
C TYR A 145 -5.59 1.24 8.57
N ASN A 146 -5.67 -0.08 8.73
CA ASN A 146 -5.41 -0.74 10.00
C ASN A 146 -4.12 -1.54 9.88
N ILE A 147 -3.10 -1.14 10.64
CA ILE A 147 -1.80 -1.82 10.63
C ILE A 147 -1.32 -1.91 12.08
N PRO A 148 -1.87 -2.84 12.87
CA PRO A 148 -1.53 -2.86 14.31
C PRO A 148 -0.06 -3.03 14.62
N ALA A 149 0.66 -3.85 13.83
CA ALA A 149 2.07 -4.12 14.12
C ALA A 149 2.91 -2.85 14.16
N LEU A 150 2.61 -1.86 13.34
CA LEU A 150 3.35 -0.60 13.31
C LEU A 150 2.67 0.52 14.10
N SER A 151 1.34 0.58 14.08
CA SER A 151 0.66 1.68 14.74
C SER A 151 0.58 1.50 16.24
N GLY A 152 0.60 0.25 16.70
CA GLY A 152 0.29 -0.06 18.08
C GLY A 152 -1.18 0.07 18.41
N VAL A 153 -2.03 0.34 17.44
CA VAL A 153 -3.47 0.40 17.64
C VAL A 153 -4.10 -0.91 17.18
N LYS A 154 -4.68 -1.66 18.12
CA LYS A 154 -5.31 -2.95 17.82
C LYS A 154 -6.81 -2.75 17.91
N LEU A 155 -7.46 -2.60 16.77
CA LEU A 155 -8.88 -2.35 16.75
C LEU A 155 -9.65 -3.67 16.88
N THR A 156 -10.71 -3.65 17.69
CA THR A 156 -11.63 -4.77 17.72
C THR A 156 -12.51 -4.81 16.48
N LEU A 157 -13.13 -5.97 16.27
CA LEU A 157 -14.08 -6.11 15.17
C LEU A 157 -15.17 -5.05 15.26
N GLU A 158 -15.75 -4.87 16.46
CA GLU A 158 -16.82 -3.90 16.63
C GLU A 158 -16.36 -2.48 16.32
N GLN A 159 -15.12 -2.14 16.70
CA GLN A 159 -14.56 -0.83 16.35
C GLN A 159 -14.37 -0.69 14.84
N ILE A 160 -13.81 -1.74 14.19
CA ILE A 160 -13.71 -1.75 12.74
C ILE A 160 -15.08 -1.61 12.12
N ASN A 161 -16.08 -2.26 12.70
CA ASN A 161 -17.43 -2.17 12.15
C ASN A 161 -17.92 -0.73 12.17
N GLN A 162 -17.66 -0.01 13.26
CA GLN A 162 -18.10 1.37 13.34
C GLN A 162 -17.33 2.27 12.37
N LEU A 163 -16.04 2.00 12.14
CA LEU A 163 -15.28 2.89 11.25
C LEU A 163 -15.69 2.71 9.81
N VAL A 164 -15.87 1.46 9.36
CA VAL A 164 -16.13 1.21 7.95
C VAL A 164 -17.57 1.52 7.58
N THR A 165 -18.42 1.79 8.57
CA THR A 165 -19.76 2.30 8.31
C THR A 165 -19.87 3.81 8.53
N LEU A 166 -18.79 4.51 8.84
CA LEU A 166 -18.85 5.97 8.84
C LEU A 166 -19.26 6.50 7.47
N PRO A 167 -20.12 7.50 7.40
CA PRO A 167 -20.39 8.12 6.10
C PRO A 167 -19.08 8.57 5.47
N GLY A 168 -18.83 8.11 4.26
CA GLY A 168 -17.65 8.50 3.50
C GLY A 168 -16.62 7.42 3.39
N VAL A 169 -16.71 6.39 4.19
CA VAL A 169 -15.73 5.31 4.18
C VAL A 169 -16.14 4.29 3.12
N GLY A 170 -15.22 4.02 2.20
CA GLY A 170 -15.54 3.11 1.13
C GLY A 170 -14.74 1.82 1.11
N ALA A 171 -13.77 1.67 1.99
CA ALA A 171 -12.90 0.50 1.94
C ALA A 171 -12.09 0.40 3.22
N LEU A 172 -11.49 -0.77 3.41
CA LEU A 172 -10.60 -1.05 4.53
C LEU A 172 -9.32 -1.68 4.03
N KPI A 173 -8.19 -1.11 4.43
CA KPI A 173 -6.89 -1.67 4.11
CB KPI A 173 -5.85 -0.62 3.79
CG KPI A 173 -4.48 -1.24 3.49
CD KPI A 173 -3.42 -0.21 3.11
CE KPI A 173 -2.03 -0.79 2.98
NZ KPI A 173 -1.04 0.27 3.09
CX1 KPI A 173 0.20 0.02 2.88
C1 KPI A 173 0.74 -1.32 2.48
CX2 KPI A 173 1.18 1.20 3.08
O1 KPI A 173 0.80 2.16 3.75
O2 KPI A 173 2.30 1.05 2.57
C KPI A 173 -6.50 -2.42 5.36
O KPI A 173 -6.15 -1.78 6.35
N GLN A 174 -6.60 -3.75 5.32
CA GLN A 174 -6.48 -4.60 6.50
C GLN A 174 -5.09 -5.25 6.52
N THR A 175 -4.14 -4.55 7.12
CA THR A 175 -2.79 -5.09 7.26
C THR A 175 -2.70 -5.80 8.61
N SER A 176 -3.37 -6.95 8.65
CA SER A 176 -3.37 -7.83 9.82
C SER A 176 -3.34 -9.28 9.35
N GLY A 177 -2.58 -10.10 10.07
CA GLY A 177 -2.51 -11.53 9.83
C GLY A 177 -3.62 -12.35 10.46
N ASP A 178 -4.52 -11.73 11.21
CA ASP A 178 -5.67 -12.42 11.81
C ASP A 178 -6.74 -12.62 10.75
N LEU A 179 -6.74 -13.79 10.12
CA LEU A 179 -7.69 -14.07 9.06
C LEU A 179 -9.03 -14.60 9.58
N TYR A 180 -9.17 -14.83 10.88
CA TYR A 180 -10.50 -14.91 11.48
C TYR A 180 -11.19 -13.55 11.40
N GLN A 181 -10.46 -12.51 11.78
CA GLN A 181 -11.06 -11.18 11.75
C GLN A 181 -11.37 -10.76 10.33
N MET A 182 -10.48 -11.11 9.39
CA MET A 182 -10.74 -10.84 7.98
C MET A 182 -12.07 -11.42 7.55
N GLU A 183 -12.32 -12.68 7.90
CA GLU A 183 -13.57 -13.32 7.51
C GLU A 183 -14.73 -12.65 8.21
N GLN A 184 -14.56 -12.29 9.48
CA GLN A 184 -15.66 -11.66 10.21
C GLN A 184 -16.06 -10.36 9.55
N ILE A 185 -15.06 -9.61 9.04
CA ILE A 185 -15.34 -8.33 8.39
C ILE A 185 -16.08 -8.55 7.10
N ARG A 186 -15.63 -9.51 6.29
CA ARG A 186 -16.33 -9.82 5.05
C ARG A 186 -17.78 -10.22 5.31
N ARG A 187 -17.99 -11.09 6.30
CA ARG A 187 -19.33 -11.58 6.60
C ARG A 187 -20.24 -10.46 7.08
N ALA A 188 -19.69 -9.52 7.86
CA ALA A 188 -20.48 -8.38 8.34
C ALA A 188 -20.74 -7.35 7.26
N HIS A 189 -19.83 -7.18 6.30
CA HIS A 189 -19.93 -6.17 5.24
C HIS A 189 -19.71 -6.85 3.90
N PRO A 190 -20.73 -7.55 3.37
CA PRO A 190 -20.54 -8.32 2.14
C PRO A 190 -20.11 -7.47 0.94
N GLU A 191 -20.30 -6.16 0.97
CA GLU A 191 -19.99 -5.31 -0.19
C GLU A 191 -18.73 -4.48 0.04
N LEU A 192 -18.14 -4.55 1.22
CA LEU A 192 -17.00 -3.69 1.51
C LEU A 192 -15.79 -4.07 0.67
N VAL A 193 -15.12 -3.05 0.14
CA VAL A 193 -13.82 -3.23 -0.48
C VAL A 193 -12.80 -3.47 0.63
N LEU A 194 -12.10 -4.60 0.55
CA LEU A 194 -11.30 -5.09 1.67
C LEU A 194 -9.96 -5.56 1.15
N TYR A 195 -8.92 -4.77 1.40
CA TYR A 195 -7.59 -5.03 0.87
C TYR A 195 -6.82 -5.89 1.86
N ASN A 196 -6.26 -6.99 1.37
CA ASN A 196 -5.28 -7.73 2.16
C ASN A 196 -3.97 -6.95 2.19
N GLY A 197 -3.46 -6.67 3.39
CA GLY A 197 -2.25 -5.88 3.54
C GLY A 197 -0.94 -6.64 3.68
N TYR A 198 -0.94 -7.88 4.12
CA TYR A 198 0.31 -8.63 4.24
C TYR A 198 0.50 -9.54 3.03
N ASP A 199 1.46 -9.19 2.18
CA ASP A 199 1.63 -9.89 0.92
C ASP A 199 1.88 -11.37 1.15
N GLU A 200 2.60 -11.70 2.23
CA GLU A 200 3.03 -13.06 2.55
C GLU A 200 1.87 -13.98 2.89
N ILE A 201 0.65 -13.47 3.02
CA ILE A 201 -0.53 -14.31 3.18
C ILE A 201 -1.61 -13.95 2.17
N PHE A 202 -1.20 -13.33 1.06
CA PHE A 202 -2.16 -12.85 0.09
C PHE A 202 -3.19 -13.90 -0.27
N ALA A 203 -2.72 -15.06 -0.73
CA ALA A 203 -3.67 -16.08 -1.18
C ALA A 203 -4.62 -16.48 -0.05
N SER A 204 -4.10 -16.67 1.17
CA SER A 204 -4.98 -17.03 2.29
C SER A 204 -5.90 -15.88 2.68
N GLY A 205 -5.44 -14.64 2.49
CA GLY A 205 -6.27 -13.50 2.85
C GLY A 205 -7.44 -13.34 1.90
N LEU A 206 -7.20 -13.57 0.61
CA LEU A 206 -8.30 -13.58 -0.35
C LEU A 206 -9.31 -14.68 -0.01
N LEU A 207 -8.83 -15.88 0.28
CA LEU A 207 -9.77 -16.94 0.60
C LEU A 207 -10.60 -16.59 1.83
N ALA A 208 -10.03 -15.83 2.77
CA ALA A 208 -10.73 -15.49 3.99
C ALA A 208 -11.74 -14.38 3.79
N GLY A 209 -11.71 -13.67 2.65
CA GLY A 209 -12.67 -12.61 2.45
C GLY A 209 -12.20 -11.34 1.78
N ALA A 210 -10.90 -11.11 1.79
CA ALA A 210 -10.39 -9.97 1.03
C ALA A 210 -10.73 -10.15 -0.45
N ASP A 211 -11.05 -9.02 -1.11
CA ASP A 211 -11.33 -8.97 -2.54
C ASP A 211 -10.25 -8.20 -3.29
N GLY A 212 -9.12 -7.94 -2.65
CA GLY A 212 -8.02 -7.27 -3.33
C GLY A 212 -6.86 -7.15 -2.36
N GLY A 213 -5.89 -6.33 -2.72
CA GLY A 213 -4.76 -6.14 -1.85
C GLY A 213 -3.97 -4.88 -2.19
N ILE A 214 -3.31 -4.35 -1.16
CA ILE A 214 -2.35 -3.25 -1.30
C ILE A 214 -1.07 -3.72 -0.64
N GLY A 215 0.01 -3.79 -1.40
CA GLY A 215 1.24 -4.39 -0.89
C GLY A 215 2.47 -3.75 -1.48
N SER A 216 3.54 -3.79 -0.68
CA SER A 216 4.80 -3.20 -1.10
C SER A 216 5.52 -4.06 -2.13
N THR A 217 5.45 -5.40 -2.02
CA THR A 217 6.20 -6.23 -2.96
C THR A 217 5.54 -6.26 -4.33
N TYR A 218 4.31 -5.76 -4.44
CA TYR A 218 3.69 -5.65 -5.76
C TYR A 218 4.51 -4.79 -6.73
N ASN A 219 5.35 -3.89 -6.20
CA ASN A 219 6.16 -3.02 -7.04
C ASN A 219 7.14 -3.79 -7.91
N ILE A 220 7.53 -5.00 -7.53
CA ILE A 220 8.49 -5.77 -8.32
C ILE A 220 7.90 -7.04 -8.95
N MET A 221 6.71 -7.51 -8.56
CA MET A 221 6.19 -8.78 -9.09
C MET A 221 4.66 -8.78 -8.99
N ALA A 222 4.03 -7.70 -9.46
CA ALA A 222 2.58 -7.63 -9.37
C ALA A 222 1.91 -8.77 -10.11
N TRP A 223 2.49 -9.21 -11.23
CA TRP A 223 1.87 -10.27 -12.01
C TRP A 223 1.66 -11.52 -11.20
N ARG A 224 2.52 -11.78 -10.22
CA ARG A 224 2.32 -12.95 -9.36
C ARG A 224 1.03 -12.82 -8.55
N TYR A 225 0.84 -11.69 -7.90
CA TYR A 225 -0.37 -11.49 -7.12
C TYR A 225 -1.60 -11.45 -8.03
N LEU A 226 -1.51 -10.77 -9.17
CA LEU A 226 -2.60 -10.84 -10.14
C LEU A 226 -2.86 -12.28 -10.54
N GLY A 227 -1.80 -13.08 -10.64
CA GLY A 227 -1.92 -14.48 -10.96
C GLY A 227 -2.61 -15.29 -9.88
N ILE A 228 -2.39 -14.92 -8.62
CA ILE A 228 -3.06 -15.61 -7.51
C ILE A 228 -4.55 -15.35 -7.55
N VAL A 229 -4.93 -14.08 -7.77
CA VAL A 229 -6.35 -13.77 -7.90
C VAL A 229 -6.96 -14.63 -9.00
N GLN A 230 -6.29 -14.70 -10.14
CA GLN A 230 -6.83 -15.46 -11.26
C GLN A 230 -6.96 -16.93 -10.90
N ALA A 231 -5.92 -17.50 -10.30
CA ALA A 231 -5.97 -18.92 -9.94
C ALA A 231 -7.16 -19.20 -9.04
N LEU A 232 -7.35 -18.41 -8.00
CA LEU A 232 -8.46 -18.66 -7.09
C LEU A 232 -9.80 -18.51 -7.80
N LYS A 233 -9.90 -17.52 -8.68
CA LYS A 233 -11.14 -17.35 -9.44
C LYS A 233 -11.42 -18.57 -10.30
N GLU A 234 -10.37 -19.13 -10.91
CA GLU A 234 -10.52 -20.25 -11.82
C GLU A 234 -10.61 -21.59 -11.10
N GLY A 235 -10.32 -21.62 -9.81
CA GLY A 235 -10.35 -22.85 -9.05
C GLY A 235 -9.04 -23.61 -9.06
N ASP A 236 -7.96 -23.00 -9.53
CA ASP A 236 -6.66 -23.67 -9.55
C ASP A 236 -5.99 -23.47 -8.19
N THR A 237 -6.45 -24.26 -7.22
CA THR A 237 -5.90 -24.17 -5.86
C THR A 237 -4.39 -24.31 -5.84
N ALA A 238 -3.86 -25.31 -6.54
CA ALA A 238 -2.42 -25.56 -6.51
C ALA A 238 -1.64 -24.39 -7.10
N LYS A 239 -2.15 -23.78 -8.18
CA LYS A 239 -1.42 -22.66 -8.77
C LYS A 239 -1.31 -21.50 -7.79
N ALA A 240 -2.37 -21.24 -7.03
CA ALA A 240 -2.32 -20.16 -6.06
C ALA A 240 -1.26 -20.43 -5.00
N GLN A 241 -1.22 -21.68 -4.50
CA GLN A 241 -0.23 -22.03 -3.49
C GLN A 241 1.18 -21.91 -4.03
N GLN A 242 1.40 -22.31 -5.28
CA GLN A 242 2.74 -22.26 -5.87
C GLN A 242 3.20 -20.82 -6.10
N LEU A 243 2.32 -19.97 -6.58
CA LEU A 243 2.65 -18.55 -6.70
C LEU A 243 2.96 -17.93 -5.34
N GLN A 244 2.15 -18.21 -4.32
CA GLN A 244 2.42 -17.68 -2.99
C GLN A 244 3.73 -18.21 -2.43
N HIS A 245 4.00 -19.50 -2.64
CA HIS A 245 5.30 -20.08 -2.29
CA HIS A 245 5.30 -20.10 -2.32
C HIS A 245 6.44 -19.25 -2.88
N GLU A 246 6.34 -18.87 -4.15
CA GLU A 246 7.43 -18.12 -4.76
C GLU A 246 7.47 -16.70 -4.25
N CYS A 247 6.29 -16.09 -4.05
CA CYS A 247 6.23 -14.76 -3.44
C CYS A 247 6.91 -14.76 -2.08
N ASN A 248 6.73 -15.82 -1.29
CA ASN A 248 7.28 -15.79 0.06
C ASN A 248 8.77 -16.09 0.09
N LYS A 249 9.28 -16.82 -0.91
CA LYS A 249 10.72 -16.91 -1.05
C LYS A 249 11.35 -15.53 -1.22
N VAL A 250 10.67 -14.67 -1.97
CA VAL A 250 11.15 -13.30 -2.15
C VAL A 250 10.99 -12.50 -0.88
N ILE A 251 9.85 -12.61 -0.22
CA ILE A 251 9.62 -11.88 1.03
C ILE A 251 10.64 -12.29 2.09
N ASP A 252 10.94 -13.57 2.21
CA ASP A 252 12.00 -14.05 3.12
C ASP A 252 13.28 -13.25 2.85
N LEU A 253 13.69 -13.13 1.59
CA LEU A 253 14.92 -12.41 1.29
C LEU A 253 14.79 -10.93 1.65
N LEU A 254 13.71 -10.28 1.20
CA LEU A 254 13.52 -8.88 1.51
C LEU A 254 13.54 -8.61 3.01
N VAL A 255 12.95 -9.51 3.81
CA VAL A 255 12.99 -9.33 5.26
C VAL A 255 14.42 -9.41 5.77
N LYS A 256 15.21 -10.32 5.21
CA LYS A 256 16.62 -10.42 5.58
C LYS A 256 17.37 -9.12 5.26
N VAL A 257 17.13 -8.56 4.09
CA VAL A 257 17.95 -7.41 3.69
C VAL A 257 17.38 -6.08 4.16
N GLY A 258 16.10 -6.04 4.55
CA GLY A 258 15.36 -4.81 4.76
C GLY A 258 14.41 -4.61 3.60
N VAL A 259 13.12 -4.51 3.89
CA VAL A 259 12.10 -4.68 2.85
C VAL A 259 12.14 -3.51 1.87
N PHE A 260 12.02 -2.28 2.39
CA PHE A 260 11.91 -1.13 1.52
C PHE A 260 13.15 -1.01 0.66
N ARG A 261 14.32 -1.04 1.30
CA ARG A 261 15.56 -0.88 0.55
C ARG A 261 15.81 -2.07 -0.36
N GLY A 262 15.32 -3.25 0.01
CA GLY A 262 15.48 -4.38 -0.87
C GLY A 262 14.66 -4.22 -2.13
N LEU A 263 13.43 -3.75 -1.99
CA LEU A 263 12.59 -3.50 -3.16
C LEU A 263 13.16 -2.38 -4.01
N LYS A 264 13.64 -1.32 -3.37
CA LYS A 264 14.23 -0.24 -4.14
C LYS A 264 15.45 -0.73 -4.89
N THR A 265 16.18 -1.68 -4.30
CA THR A 265 17.40 -2.18 -4.92
C THR A 265 17.05 -3.09 -6.09
N VAL A 266 16.04 -3.94 -5.93
CA VAL A 266 15.59 -4.74 -7.07
C VAL A 266 15.12 -3.83 -8.21
N LEU A 267 14.33 -2.80 -7.88
CA LEU A 267 13.88 -1.88 -8.91
C LEU A 267 15.05 -1.13 -9.56
N HIS A 268 16.11 -0.87 -8.80
CA HIS A 268 17.30 -0.26 -9.39
C HIS A 268 17.95 -1.21 -10.40
N TYR A 269 18.03 -2.50 -10.04
CA TYR A 269 18.60 -3.47 -10.98
C TYR A 269 17.66 -3.76 -12.14
N MET A 270 16.39 -3.42 -12.00
CA MET A 270 15.46 -3.48 -13.12
C MET A 270 15.41 -2.18 -13.93
N ASP A 271 16.31 -1.22 -13.67
CA ASP A 271 16.39 0.04 -14.41
C ASP A 271 15.13 0.89 -14.23
N VAL A 272 14.48 0.79 -13.07
CA VAL A 272 13.34 1.65 -12.74
C VAL A 272 13.74 2.83 -11.85
N LEU A 273 14.53 2.58 -10.81
CA LEU A 273 14.98 3.62 -9.90
C LEU A 273 16.46 3.85 -10.14
N SER A 274 16.84 5.13 -10.25
CA SER A 274 18.25 5.48 -10.39
C SER A 274 19.02 5.27 -9.10
N VAL A 275 18.37 5.43 -7.94
CA VAL A 275 19.07 5.36 -6.66
C VAL A 275 18.18 4.60 -5.67
N PRO A 276 18.69 3.52 -5.03
CA PRO A 276 17.81 2.69 -4.21
C PRO A 276 17.80 3.02 -2.72
N LEU A 277 18.10 4.25 -2.37
CA LEU A 277 18.25 4.59 -0.97
C LEU A 277 16.93 4.85 -0.27
N CYS A 278 16.85 4.43 0.99
CA CYS A 278 15.85 4.89 1.93
C CYS A 278 16.42 6.03 2.77
N ARG A 279 15.54 6.77 3.42
CA ARG A 279 16.00 7.84 4.27
C ARG A 279 16.47 7.27 5.62
N LYS A 280 17.52 7.87 6.16
CA LYS A 280 17.94 7.58 7.53
C LYS A 280 16.78 7.80 8.50
N PRO A 281 16.67 6.96 9.52
CA PRO A 281 17.73 6.02 9.96
C PRO A 281 17.73 4.64 9.29
N PHE A 282 16.96 4.41 8.23
CA PHE A 282 17.19 3.21 7.40
C PHE A 282 18.62 3.23 6.87
N ALA A 283 19.39 2.18 7.15
CA ALA A 283 20.73 2.03 6.58
C ALA A 283 20.66 1.61 5.11
N PRO A 284 21.76 1.75 4.37
CA PRO A 284 21.82 1.14 3.03
C PRO A 284 21.89 -0.39 3.09
N VAL A 285 21.61 -1.03 1.96
CA VAL A 285 21.77 -2.48 1.87
C VAL A 285 23.21 -2.89 2.13
N GLU A 286 23.41 -3.99 2.84
CA GLU A 286 24.75 -4.52 3.05
C GLU A 286 25.28 -5.13 1.77
N ASP A 287 26.57 -4.93 1.50
CA ASP A 287 27.16 -5.37 0.25
C ASP A 287 26.94 -6.86 0.01
N LYS A 288 26.89 -7.64 1.09
CA LYS A 288 26.83 -9.09 0.91
C LYS A 288 25.50 -9.57 0.35
N PHE A 289 24.48 -8.71 0.31
CA PHE A 289 23.19 -9.09 -0.24
C PHE A 289 23.02 -8.69 -1.69
N GLN A 290 23.95 -7.89 -2.23
CA GLN A 290 23.74 -7.31 -3.55
C GLN A 290 23.66 -8.39 -4.62
N ALA A 291 24.52 -9.39 -4.54
CA ALA A 291 24.51 -10.46 -5.54
C ALA A 291 23.13 -11.10 -5.64
N GLU A 292 22.53 -11.44 -4.50
CA GLU A 292 21.24 -12.13 -4.53
C GLU A 292 20.12 -11.19 -4.99
N LEU A 293 20.22 -9.91 -4.65
CA LEU A 293 19.18 -8.98 -5.08
C LEU A 293 19.23 -8.74 -6.58
N LYS A 294 20.43 -8.66 -7.16
CA LYS A 294 20.55 -8.55 -8.61
C LYS A 294 20.03 -9.81 -9.30
N ALA A 295 20.46 -10.98 -8.84
CA ALA A 295 19.91 -12.22 -9.37
C ALA A 295 18.37 -12.24 -9.30
N LEU A 296 17.78 -11.77 -8.20
CA LEU A 296 16.32 -11.71 -8.13
C LEU A 296 15.73 -10.82 -9.22
N ALA A 297 16.32 -9.64 -9.42
CA ALA A 297 15.82 -8.75 -10.46
C ALA A 297 15.86 -9.44 -11.81
N GLN A 298 16.97 -10.10 -12.13
CA GLN A 298 17.08 -10.75 -13.43
C GLN A 298 16.06 -11.87 -13.56
N GLN A 299 15.89 -12.65 -12.49
CA GLN A 299 14.88 -13.69 -12.50
C GLN A 299 13.50 -13.11 -12.79
N LEU A 300 13.15 -12.01 -12.12
CA LEU A 300 11.81 -11.45 -12.27
C LEU A 300 11.61 -10.88 -13.67
N MET A 301 12.63 -10.20 -14.21
CA MET A 301 12.50 -9.70 -15.57
C MET A 301 12.32 -10.84 -16.56
N GLN A 302 13.09 -11.93 -16.42
CA GLN A 302 12.95 -13.05 -17.35
C GLN A 302 11.60 -13.73 -17.15
N GLU A 303 11.11 -13.74 -15.92
CA GLU A 303 9.81 -14.35 -15.64
C GLU A 303 8.72 -13.73 -16.50
N ARG A 304 8.75 -12.42 -16.68
CA ARG A 304 7.81 -11.75 -17.58
C ARG A 304 8.03 -12.19 -19.01
NA NA B . -8.75 0.50 -10.83
NA NA C . -3.69 0.24 13.14
NA NA D . -0.98 -7.70 0.32
NA NA E . 15.29 5.50 -3.48
CL CL F . -18.70 6.46 16.52
CL CL G . -8.46 2.46 21.16
CL CL H . 9.62 6.34 -17.97
CL CL I . 4.55 19.29 -9.92
S SO4 J . 4.18 3.40 17.58
O1 SO4 J . 5.17 2.27 17.52
O2 SO4 J . 3.05 3.10 18.52
O3 SO4 J . 3.62 3.63 16.20
O4 SO4 J . 4.87 4.65 18.04
S SO4 K . -0.95 -9.15 13.38
O1 SO4 K . -1.30 -10.58 13.70
O2 SO4 K . -0.93 -8.32 14.63
O3 SO4 K . 0.38 -9.07 12.64
O4 SO4 K . -2.01 -8.61 12.47
S SO4 L . 4.49 14.16 9.18
O1 SO4 L . 4.50 13.37 7.89
O2 SO4 L . 4.50 13.27 10.39
O3 SO4 L . 5.69 15.09 9.28
O4 SO4 L . 3.25 15.00 9.28
C1 GOL M . -8.22 -17.11 16.12
O1 GOL M . -8.93 -16.48 17.16
C2 GOL M . -7.14 -16.19 15.57
O2 GOL M . -5.88 -16.49 16.12
C3 GOL M . -7.11 -16.36 14.06
O3 GOL M . -5.98 -15.68 13.55
C1 GOL N . 14.80 -1.29 5.28
O1 GOL N . 14.23 -0.65 4.17
C2 GOL N . 13.73 -2.04 6.05
O2 GOL N . 14.19 -2.18 7.38
C3 GOL N . 12.41 -1.29 5.96
O3 GOL N . 11.54 -2.03 5.14
C1 GOL O . 14.31 -15.57 -4.92
O1 GOL O . 13.47 -16.12 -5.91
C2 GOL O . 14.70 -16.69 -3.98
O2 GOL O . 14.87 -17.87 -4.77
C3 GOL O . 15.96 -16.39 -3.19
O3 GOL O . 16.27 -15.03 -3.37
C1 GOL P . 13.82 18.15 5.38
O1 GOL P . 14.99 17.47 5.77
C2 GOL P . 12.83 17.20 4.75
O2 GOL P . 13.54 16.40 3.82
C3 GOL P . 12.13 16.29 5.76
O3 GOL P . 11.33 17.11 6.59
N NO3 Q . 15.06 7.96 -13.59
O1 NO3 Q . 16.00 8.28 -12.83
O2 NO3 Q . 14.49 6.85 -13.45
O3 NO3 Q . 14.70 8.76 -14.49
N NO3 R . -19.23 -0.54 3.36
O1 NO3 R . -19.41 -0.98 4.53
O2 NO3 R . -19.53 -1.28 2.39
O3 NO3 R . -18.76 0.59 3.16
C13 1PE S . 7.53 -8.96 8.49
C23 1PE S . 6.68 -8.54 9.67
OH4 1PE S . 7.32 -8.10 7.40
C14 1PE S . 5.74 -7.40 5.70
C24 1PE S . 6.10 -8.39 6.76
OH5 1PE S . 6.20 -7.79 4.42
C15 1PE S . 4.23 -7.18 3.18
C25 1PE S . 5.72 -6.97 3.38
OH6 1PE S . 3.56 -5.97 3.41
C16 1PE S . 2.71 -3.88 2.56
C26 1PE S . 3.33 -5.22 2.23
OH7 1PE S . 1.29 -3.97 2.47
#